data_1BPN
#
_entry.id   1BPN
#
_cell.length_a   129.800
_cell.length_b   129.800
_cell.length_c   120.700
_cell.angle_alpha   90.00
_cell.angle_beta   90.00
_cell.angle_gamma   120.00
#
_symmetry.space_group_name_H-M   'P 63 2 2'
#
loop_
_entity.id
_entity.type
_entity.pdbx_description
1 polymer 'LEUCINE AMINOPEPTIDASE'
2 non-polymer 'ZINC ION'
#
_entity_poly.entity_id   1
_entity_poly.type   'polypeptide(L)'
_entity_poly.pdbx_seq_one_letter_code
;TKGLVLGIYSKEKEEDEPQFTSAGENFNKLVSGKLREILNISGPPLKAGKTRTFYGLHEDFPSVVVVGLGKKTAGIDEQE
NWHEGKENIRAAVAAGCRQIQDLEIPSVEVDPCGDAQAAAEGAVLGLYEYDDLKQKRKVVVSAKLHGSEDQEAWQRGVLF
ASGQNLARRLMETPANEMTPTKFAEIVEENLKSASIKTDVFIRPKSWIEEQEMGSFLSVAKGSEEPPVFLEIHYKGSPNA
SEPPLVFVGKGITFDSGGISIKAAANMDLMRADMGGAATICSAIVSAAKLDLPINIVGLAPLCENMPSGKANKPGDVVRA
RNGKTIQVDNTDAEGRLILADALCYAHTFNPKVIINAATLTGAMDIALGSGATGVFTNSSWLWNKLFEASIETGDRVWRM
PLFEHYTRQVIDCQLADVNNIGKYRSAGACTAAAFLKEFVTHPKWAHLDIAGVMTNKDEVPYLRKGMAGRPTRTLIEFLF
RFSQDSA
;
_entity_poly.pdbx_strand_id   A
#
loop_
_chem_comp.id
_chem_comp.type
_chem_comp.name
_chem_comp.formula
ZN non-polymer 'ZINC ION' 'Zn 2'
#
# COMPACT_ATOMS: atom_id res chain seq x y z
N THR A 1 3.69 -30.90 17.07
CA THR A 1 3.23 -29.70 17.73
C THR A 1 2.64 -28.68 16.75
N LYS A 2 3.61 -28.22 15.96
CA LYS A 2 3.36 -27.16 15.00
C LYS A 2 3.82 -27.53 13.60
N GLY A 3 3.42 -26.74 12.61
CA GLY A 3 3.81 -26.96 11.22
C GLY A 3 5.11 -26.32 10.75
N LEU A 4 5.53 -26.71 9.53
CA LEU A 4 6.78 -26.29 8.91
C LEU A 4 6.65 -26.09 7.41
N VAL A 5 7.04 -24.92 6.92
CA VAL A 5 7.10 -24.57 5.49
C VAL A 5 8.59 -24.68 5.14
N LEU A 6 8.84 -25.70 4.32
CA LEU A 6 10.14 -26.05 3.76
C LEU A 6 10.19 -25.76 2.26
N GLY A 7 11.36 -25.71 1.64
CA GLY A 7 11.37 -25.29 0.26
C GLY A 7 12.31 -26.08 -0.57
N ILE A 8 12.02 -26.08 -1.86
CA ILE A 8 12.80 -26.83 -2.80
C ILE A 8 12.83 -26.04 -4.08
N TYR A 9 13.96 -26.12 -4.79
CA TYR A 9 14.12 -25.52 -6.10
C TYR A 9 13.83 -26.50 -7.23
N SER A 10 14.13 -26.06 -8.45
CA SER A 10 13.94 -26.87 -9.65
C SER A 10 15.26 -27.46 -10.18
N LYS A 11 15.27 -28.69 -10.69
CA LYS A 11 16.47 -29.46 -11.12
C LYS A 11 17.89 -29.03 -11.54
N GLU A 15 18.77 -29.98 -11.10
CA GLU A 15 20.23 -30.05 -11.28
C GLU A 15 20.81 -31.48 -11.60
N ASP A 16 20.35 -32.43 -10.77
CA ASP A 16 20.64 -33.86 -10.75
C ASP A 16 19.54 -34.60 -9.96
N GLU A 17 18.95 -33.80 -9.09
CA GLU A 17 17.92 -34.13 -8.13
C GLU A 17 17.57 -32.73 -7.66
N PRO A 18 16.33 -32.25 -7.76
CA PRO A 18 15.95 -30.87 -7.45
C PRO A 18 16.27 -30.55 -5.99
N GLN A 19 17.16 -29.56 -5.81
CA GLN A 19 17.68 -29.28 -4.49
C GLN A 19 16.75 -28.60 -3.52
N PHE A 20 17.06 -28.73 -2.22
CA PHE A 20 16.35 -28.03 -1.15
C PHE A 20 16.96 -26.70 -0.69
N THR A 21 16.19 -25.82 -0.03
CA THR A 21 16.78 -24.68 0.65
C THR A 21 17.44 -25.41 1.79
N SER A 22 18.72 -25.15 2.12
CA SER A 22 19.47 -25.88 3.16
C SER A 22 18.76 -26.31 4.44
N ALA A 23 17.83 -25.51 4.98
CA ALA A 23 17.06 -25.90 6.12
C ALA A 23 16.30 -27.24 5.95
N GLY A 24 15.79 -27.51 4.74
CA GLY A 24 15.07 -28.72 4.42
C GLY A 24 15.98 -29.85 4.05
N GLU A 25 17.21 -29.53 3.57
CA GLU A 25 18.25 -30.52 3.38
C GLU A 25 18.65 -31.13 4.73
N ASN A 26 18.62 -30.19 5.68
CA ASN A 26 18.93 -30.38 7.07
C ASN A 26 17.81 -31.11 7.82
N PHE A 27 16.55 -30.77 7.54
CA PHE A 27 15.38 -31.45 8.07
C PHE A 27 15.32 -32.82 7.39
N ASN A 28 16.00 -33.05 6.26
CA ASN A 28 15.85 -34.37 5.69
C ASN A 28 16.76 -35.36 6.42
N LYS A 29 17.96 -34.85 6.72
CA LYS A 29 19.01 -35.57 7.43
C LYS A 29 18.53 -36.08 8.78
N LEU A 30 17.73 -35.15 9.37
CA LEU A 30 17.02 -35.24 10.63
C LEU A 30 15.93 -36.31 10.65
N VAL A 31 15.07 -36.43 9.64
CA VAL A 31 14.12 -37.54 9.64
C VAL A 31 14.70 -38.72 8.81
N SER A 32 16.04 -38.68 8.62
CA SER A 32 16.86 -39.66 7.94
C SER A 32 16.49 -40.01 6.52
N GLY A 33 16.57 -39.00 5.64
CA GLY A 33 16.20 -39.15 4.22
C GLY A 33 14.71 -39.33 3.89
N LYS A 34 13.85 -39.50 4.89
CA LYS A 34 12.44 -39.83 4.67
C LYS A 34 11.56 -38.72 4.16
N LEU A 35 12.09 -37.48 4.07
CA LEU A 35 11.40 -36.37 3.42
C LEU A 35 11.70 -36.46 1.91
N ARG A 36 12.98 -36.50 1.52
CA ARG A 36 13.42 -36.68 0.14
C ARG A 36 12.78 -37.88 -0.51
N GLU A 37 12.69 -38.95 0.28
CA GLU A 37 12.18 -40.21 -0.14
C GLU A 37 10.67 -40.12 -0.35
N ILE A 38 9.89 -39.48 0.54
CA ILE A 38 8.44 -39.44 0.34
C ILE A 38 8.07 -38.47 -0.79
N LEU A 39 8.94 -37.48 -1.06
CA LEU A 39 8.72 -36.53 -2.14
C LEU A 39 8.80 -37.22 -3.50
N ASN A 40 9.61 -38.29 -3.54
CA ASN A 40 9.77 -39.09 -4.75
C ASN A 40 8.55 -39.91 -4.98
N ILE A 41 8.11 -40.52 -3.86
CA ILE A 41 6.91 -41.35 -3.87
C ILE A 41 5.65 -40.56 -4.21
N SER A 42 5.62 -39.24 -3.93
CA SER A 42 4.40 -38.46 -4.08
C SER A 42 3.90 -38.18 -5.49
N GLY A 43 4.83 -37.90 -6.41
CA GLY A 43 4.46 -37.65 -7.79
C GLY A 43 5.47 -36.79 -8.56
N PRO A 44 5.01 -35.93 -9.47
CA PRO A 44 5.83 -35.00 -10.26
C PRO A 44 6.47 -33.92 -9.38
N PRO A 45 7.59 -33.28 -9.75
CA PRO A 45 8.20 -32.21 -8.95
C PRO A 45 7.43 -30.86 -8.83
N LEU A 46 7.69 -30.14 -7.74
CA LEU A 46 7.07 -28.90 -7.40
C LEU A 46 7.63 -27.63 -8.06
N LYS A 47 6.92 -27.18 -9.09
CA LYS A 47 7.32 -25.95 -9.72
C LYS A 47 6.89 -24.76 -8.86
N ALA A 48 7.22 -23.54 -9.25
CA ALA A 48 6.90 -22.33 -8.49
C ALA A 48 5.56 -22.13 -7.77
N GLY A 49 5.67 -22.00 -6.46
CA GLY A 49 4.55 -21.69 -5.59
C GLY A 49 3.49 -22.75 -5.57
N LYS A 50 3.87 -23.99 -5.91
CA LYS A 50 2.99 -25.15 -5.87
C LYS A 50 3.42 -25.80 -4.56
N THR A 51 2.55 -26.63 -3.99
CA THR A 51 2.65 -27.04 -2.58
C THR A 51 2.43 -28.53 -2.32
N ARG A 52 3.06 -29.18 -1.34
CA ARG A 52 2.71 -30.56 -1.06
C ARG A 52 2.98 -30.86 0.40
N THR A 53 1.93 -31.42 1.02
CA THR A 53 1.95 -31.68 2.46
C THR A 53 2.12 -33.15 2.80
N PHE A 54 3.15 -33.24 3.68
CA PHE A 54 3.73 -34.47 4.20
C PHE A 54 3.60 -34.55 5.73
N TYR A 55 2.61 -35.38 6.11
CA TYR A 55 2.29 -35.74 7.48
C TYR A 55 3.19 -36.79 8.12
N GLY A 56 3.39 -36.53 9.42
CA GLY A 56 4.12 -37.37 10.34
C GLY A 56 5.59 -37.59 10.07
N LEU A 57 6.25 -36.74 9.27
CA LEU A 57 7.69 -36.92 9.03
C LEU A 57 8.52 -36.72 10.29
N HIS A 58 8.03 -35.78 11.08
CA HIS A 58 8.63 -35.43 12.35
C HIS A 58 7.63 -35.31 13.48
N GLU A 59 8.28 -35.76 14.54
CA GLU A 59 7.71 -35.91 15.87
C GLU A 59 7.08 -34.65 16.46
N ASP A 60 7.62 -33.53 16.00
CA ASP A 60 7.24 -32.22 16.45
C ASP A 60 6.82 -31.33 15.28
N PHE A 61 6.85 -31.92 14.08
CA PHE A 61 6.39 -31.28 12.87
C PHE A 61 5.49 -32.28 12.18
N PRO A 62 4.27 -32.51 12.65
CA PRO A 62 3.26 -33.40 12.06
C PRO A 62 2.92 -33.00 10.62
N SER A 63 2.62 -31.71 10.33
CA SER A 63 2.43 -31.35 8.93
C SER A 63 3.62 -30.52 8.48
N VAL A 64 4.24 -30.99 7.39
CA VAL A 64 5.38 -30.33 6.75
C VAL A 64 4.95 -30.05 5.31
N VAL A 65 4.77 -28.77 4.97
CA VAL A 65 4.42 -28.36 3.62
C VAL A 65 5.73 -28.06 2.87
N VAL A 66 6.03 -28.70 1.70
CA VAL A 66 7.19 -28.34 0.86
C VAL A 66 6.62 -27.49 -0.27
N VAL A 67 7.18 -26.30 -0.48
CA VAL A 67 6.69 -25.36 -1.48
C VAL A 67 7.77 -25.17 -2.56
N GLY A 68 7.34 -24.83 -3.78
CA GLY A 68 8.23 -24.65 -4.92
C GLY A 68 8.83 -23.26 -4.96
N LEU A 69 10.15 -23.15 -5.07
CA LEU A 69 10.82 -21.85 -5.06
C LEU A 69 11.36 -21.43 -6.42
N GLY A 70 11.20 -22.35 -7.38
CA GLY A 70 11.69 -22.12 -8.72
C GLY A 70 13.21 -22.19 -8.78
N LYS A 71 13.78 -21.42 -9.72
CA LYS A 71 15.22 -21.42 -9.94
C LYS A 71 15.90 -20.65 -8.84
N LYS A 72 16.90 -21.37 -8.29
CA LYS A 72 17.83 -20.93 -7.26
C LYS A 72 18.41 -19.54 -7.53
N THR A 73 18.89 -19.42 -8.77
CA THR A 73 19.51 -18.21 -9.28
C THR A 73 18.56 -17.25 -10.02
N ALA A 74 17.24 -17.32 -9.79
CA ALA A 74 16.26 -16.39 -10.33
C ALA A 74 16.63 -14.98 -9.86
N GLY A 75 16.74 -13.93 -10.71
CA GLY A 75 17.14 -12.63 -10.21
C GLY A 75 16.31 -11.52 -10.80
N ILE A 76 16.84 -10.28 -10.85
CA ILE A 76 16.19 -9.15 -11.50
C ILE A 76 15.87 -9.61 -12.93
N ASP A 77 14.64 -9.26 -13.32
CA ASP A 77 14.06 -9.57 -14.61
C ASP A 77 14.00 -8.29 -15.44
N GLU A 78 14.57 -8.14 -16.66
CA GLU A 78 14.43 -6.89 -17.43
C GLU A 78 13.01 -6.63 -17.90
N GLN A 79 12.20 -7.67 -18.00
CA GLN A 79 10.85 -7.44 -18.46
C GLN A 79 9.90 -7.26 -17.30
N GLU A 80 9.99 -8.00 -16.19
CA GLU A 80 8.99 -7.82 -15.16
C GLU A 80 9.31 -6.71 -14.18
N ASN A 81 10.57 -6.24 -14.28
CA ASN A 81 11.06 -5.12 -13.49
C ASN A 81 10.86 -5.34 -12.01
N TRP A 82 11.36 -6.51 -11.65
CA TRP A 82 11.40 -6.85 -10.26
C TRP A 82 12.48 -7.84 -10.00
N HIS A 83 12.66 -8.14 -8.73
CA HIS A 83 13.58 -9.19 -8.40
C HIS A 83 12.59 -10.31 -8.41
N GLU A 84 12.85 -11.28 -9.26
CA GLU A 84 11.94 -12.40 -9.37
C GLU A 84 12.06 -13.42 -8.22
N GLY A 85 13.29 -13.64 -7.69
CA GLY A 85 13.52 -14.59 -6.61
C GLY A 85 12.61 -14.35 -5.42
N LYS A 86 12.72 -13.14 -4.89
CA LYS A 86 11.90 -12.62 -3.82
C LYS A 86 10.41 -12.90 -4.01
N GLU A 87 10.00 -12.67 -5.28
CA GLU A 87 8.63 -12.92 -5.74
C GLU A 87 8.30 -14.38 -5.73
N ASN A 88 9.29 -15.23 -6.03
CA ASN A 88 9.05 -16.65 -5.98
C ASN A 88 8.80 -17.06 -4.54
N ILE A 89 9.70 -16.60 -3.68
CA ILE A 89 9.65 -16.91 -2.27
C ILE A 89 8.38 -16.39 -1.59
N ARG A 90 7.83 -15.21 -1.95
CA ARG A 90 6.63 -14.65 -1.31
C ARG A 90 5.40 -15.50 -1.62
N ALA A 91 5.18 -15.76 -2.90
CA ALA A 91 4.06 -16.55 -3.35
C ALA A 91 4.18 -17.98 -2.82
N ALA A 92 5.43 -18.43 -2.73
CA ALA A 92 5.71 -19.77 -2.30
C ALA A 92 5.53 -19.96 -0.83
N VAL A 93 6.03 -19.11 0.13
CA VAL A 93 5.79 -19.40 1.55
C VAL A 93 4.42 -18.85 1.93
N ALA A 94 3.75 -18.02 1.11
CA ALA A 94 2.37 -17.61 1.39
C ALA A 94 1.47 -18.81 1.24
N ALA A 95 1.76 -19.53 0.14
CA ALA A 95 1.10 -20.76 -0.29
C ALA A 95 1.15 -21.83 0.78
N GLY A 96 2.40 -21.95 1.30
CA GLY A 96 2.80 -22.88 2.32
C GLY A 96 2.10 -22.56 3.59
N CYS A 97 2.20 -21.30 4.05
CA CYS A 97 1.51 -20.82 5.25
C CYS A 97 -0.03 -20.90 5.25
N ARG A 98 -0.63 -20.79 4.08
CA ARG A 98 -2.08 -20.92 3.92
C ARG A 98 -2.57 -22.36 3.99
N GLN A 99 -1.62 -23.30 3.81
CA GLN A 99 -1.84 -24.75 3.93
C GLN A 99 -1.72 -25.23 5.39
N ILE A 100 -0.68 -24.74 6.12
CA ILE A 100 -0.55 -24.95 7.56
C ILE A 100 -1.86 -24.45 8.19
N GLN A 101 -2.25 -23.18 7.90
CA GLN A 101 -3.51 -22.59 8.32
C GLN A 101 -4.81 -23.34 7.93
N ASP A 102 -5.02 -24.01 6.77
CA ASP A 102 -6.29 -24.72 6.57
C ASP A 102 -6.19 -25.95 7.43
N LEU A 103 -5.00 -26.49 7.71
CA LEU A 103 -4.93 -27.62 8.60
C LEU A 103 -5.22 -27.26 10.04
N GLU A 104 -5.38 -25.97 10.30
CA GLU A 104 -5.71 -25.40 11.60
C GLU A 104 -4.62 -25.60 12.62
N ILE A 105 -3.36 -25.49 12.15
CA ILE A 105 -2.18 -25.58 13.00
C ILE A 105 -1.91 -24.14 13.38
N PRO A 106 -2.02 -23.79 14.68
CA PRO A 106 -1.98 -22.42 15.14
C PRO A 106 -0.64 -21.72 15.10
N SER A 107 0.42 -22.48 14.77
CA SER A 107 1.76 -21.91 14.73
C SER A 107 2.50 -22.51 13.55
N VAL A 108 3.60 -21.94 13.04
CA VAL A 108 4.33 -22.48 11.90
C VAL A 108 5.65 -21.75 11.94
N GLU A 109 6.62 -22.59 11.57
CA GLU A 109 8.01 -22.25 11.39
C GLU A 109 8.28 -22.22 9.91
N VAL A 110 8.89 -21.12 9.47
CA VAL A 110 9.12 -20.87 8.02
C VAL A 110 10.59 -20.97 7.58
N ASP A 111 10.86 -21.65 6.46
CA ASP A 111 12.19 -21.83 5.90
C ASP A 111 12.66 -20.48 5.43
N PRO A 112 13.83 -19.91 5.82
CA PRO A 112 14.29 -18.59 5.36
C PRO A 112 14.28 -18.42 3.84
N CYS A 113 14.42 -19.52 3.10
CA CYS A 113 14.38 -19.64 1.65
C CYS A 113 15.37 -18.83 0.81
N GLY A 114 16.44 -18.46 1.53
CA GLY A 114 17.55 -17.72 0.97
C GLY A 114 17.45 -16.21 1.14
N ASP A 115 16.25 -15.72 1.46
CA ASP A 115 16.03 -14.29 1.64
C ASP A 115 15.08 -14.20 2.83
N ALA A 116 15.53 -14.13 4.10
CA ALA A 116 14.61 -14.17 5.24
C ALA A 116 13.47 -13.12 5.23
N GLN A 117 13.72 -11.95 4.57
CA GLN A 117 12.70 -10.91 4.35
C GLN A 117 11.58 -11.34 3.38
N ALA A 118 11.86 -11.83 2.17
CA ALA A 118 10.83 -12.36 1.29
C ALA A 118 9.99 -13.51 1.89
N ALA A 119 10.64 -14.31 2.73
CA ALA A 119 9.95 -15.38 3.41
C ALA A 119 8.94 -14.71 4.33
N ALA A 120 9.36 -13.76 5.19
CA ALA A 120 8.48 -13.06 6.12
C ALA A 120 7.43 -12.18 5.51
N GLU A 121 7.73 -11.63 4.32
CA GLU A 121 6.73 -10.82 3.63
C GLU A 121 5.72 -11.78 3.00
N GLY A 122 6.05 -13.04 2.73
CA GLY A 122 5.15 -14.01 2.17
C GLY A 122 4.27 -14.58 3.25
N ALA A 123 4.86 -15.03 4.37
CA ALA A 123 4.13 -15.60 5.50
C ALA A 123 3.09 -14.65 6.11
N VAL A 124 3.47 -13.36 6.25
CA VAL A 124 2.65 -12.30 6.84
C VAL A 124 1.63 -11.70 5.88
N LEU A 125 1.95 -11.25 4.65
CA LEU A 125 0.96 -10.81 3.67
C LEU A 125 0.04 -11.96 3.22
N GLY A 126 0.70 -13.13 3.11
CA GLY A 126 0.03 -14.38 2.73
C GLY A 126 -1.10 -14.71 3.67
N LEU A 127 -0.86 -14.72 4.98
CA LEU A 127 -1.87 -15.11 5.95
C LEU A 127 -2.98 -14.11 6.33
N TYR A 128 -2.80 -12.79 6.11
CA TYR A 128 -3.74 -11.72 6.53
C TYR A 128 -5.18 -11.78 6.00
N GLU A 129 -6.19 -11.46 6.86
CA GLU A 129 -7.56 -11.41 6.40
C GLU A 129 -8.51 -10.25 6.63
N TYR A 130 -8.63 -9.86 7.90
CA TYR A 130 -9.60 -8.89 8.46
C TYR A 130 -10.88 -9.71 8.70
N ASP A 131 -10.73 -10.48 9.78
CA ASP A 131 -11.63 -11.48 10.34
C ASP A 131 -12.60 -10.92 11.36
N ASP A 132 -12.27 -9.68 11.74
CA ASP A 132 -12.84 -9.01 12.91
C ASP A 132 -14.33 -8.89 13.02
N LEU A 133 -15.08 -8.84 11.90
CA LEU A 133 -16.52 -8.68 11.99
C LEU A 133 -17.24 -9.93 11.55
N LYS A 134 -16.49 -10.99 11.35
CA LYS A 134 -17.06 -12.28 11.10
C LYS A 134 -16.91 -13.06 12.39
N GLN A 135 -17.97 -13.62 13.02
CA GLN A 135 -17.77 -14.48 14.18
C GLN A 135 -17.18 -15.81 13.70
N LYS A 136 -17.33 -16.08 12.39
CA LYS A 136 -16.76 -17.22 11.65
C LYS A 136 -15.38 -16.85 11.05
N ARG A 137 -14.31 -17.21 11.79
CA ARG A 137 -12.93 -16.86 11.44
C ARG A 137 -12.04 -18.08 11.19
N LYS A 138 -10.99 -18.00 10.35
CA LYS A 138 -10.02 -19.08 10.12
C LYS A 138 -9.09 -19.25 11.34
N VAL A 139 -8.15 -20.21 11.51
CA VAL A 139 -7.32 -20.27 12.74
C VAL A 139 -6.30 -19.14 12.77
N VAL A 140 -5.87 -18.65 13.94
CA VAL A 140 -4.88 -17.57 13.98
C VAL A 140 -3.51 -18.15 14.31
N VAL A 141 -2.80 -18.17 13.20
CA VAL A 141 -1.50 -18.81 13.13
C VAL A 141 -0.35 -17.83 13.24
N SER A 142 0.48 -18.20 14.19
CA SER A 142 1.71 -17.53 14.51
C SER A 142 2.82 -18.11 13.64
N ALA A 143 3.47 -17.18 12.94
CA ALA A 143 4.51 -17.54 12.02
C ALA A 143 5.86 -16.97 12.44
N LYS A 144 6.67 -17.88 12.95
CA LYS A 144 8.03 -17.52 13.33
C LYS A 144 8.99 -18.13 12.30
N LEU A 145 10.20 -17.54 12.23
CA LEU A 145 11.31 -18.06 11.41
C LEU A 145 11.69 -19.47 11.88
N HIS A 146 12.14 -20.27 10.94
CA HIS A 146 12.70 -21.53 11.31
C HIS A 146 14.17 -21.19 11.33
N GLY A 147 14.85 -21.34 12.48
CA GLY A 147 16.27 -21.02 12.57
C GLY A 147 16.57 -19.80 13.42
N SER A 148 17.84 -19.44 13.52
CA SER A 148 18.27 -18.34 14.38
C SER A 148 19.40 -17.50 13.81
N GLU A 149 19.68 -17.77 12.55
CA GLU A 149 20.78 -17.13 11.88
C GLU A 149 20.35 -15.79 11.32
N ASP A 150 19.36 -15.77 10.41
CA ASP A 150 19.02 -14.52 9.75
C ASP A 150 17.78 -13.85 10.33
N GLN A 151 17.95 -13.21 11.50
CA GLN A 151 16.86 -12.60 12.25
C GLN A 151 16.39 -11.17 11.99
N GLU A 152 17.27 -10.15 11.77
CA GLU A 152 16.75 -8.82 11.48
C GLU A 152 16.20 -8.59 10.08
N ALA A 153 16.55 -9.43 9.09
CA ALA A 153 15.92 -9.42 7.75
C ALA A 153 14.53 -10.03 7.77
N TRP A 154 14.32 -11.16 8.47
CA TRP A 154 12.99 -11.69 8.71
C TRP A 154 12.16 -10.68 9.49
N GLN A 155 12.74 -9.94 10.41
CA GLN A 155 11.93 -8.97 11.10
C GLN A 155 11.64 -7.75 10.24
N ARG A 156 12.49 -7.54 9.23
CA ARG A 156 12.29 -6.51 8.22
C ARG A 156 11.16 -6.98 7.31
N GLY A 157 11.01 -8.28 7.09
CA GLY A 157 9.89 -8.76 6.30
C GLY A 157 8.59 -8.55 7.04
N VAL A 158 8.57 -8.98 8.30
CA VAL A 158 7.47 -8.84 9.20
C VAL A 158 7.08 -7.37 9.35
N LEU A 159 8.04 -6.45 9.34
CA LEU A 159 7.82 -5.02 9.49
C LEU A 159 7.16 -4.48 8.24
N PHE A 160 7.82 -4.61 7.08
CA PHE A 160 7.38 -4.20 5.76
C PHE A 160 6.03 -4.76 5.37
N ALA A 161 5.78 -6.07 5.53
CA ALA A 161 4.49 -6.70 5.30
C ALA A 161 3.46 -6.20 6.30
N SER A 162 3.81 -5.92 7.57
CA SER A 162 2.85 -5.44 8.58
C SER A 162 2.40 -4.02 8.40
N GLY A 163 3.27 -3.19 7.83
CA GLY A 163 2.93 -1.80 7.49
C GLY A 163 1.89 -1.82 6.36
N GLN A 164 2.01 -2.85 5.51
CA GLN A 164 1.06 -3.07 4.45
C GLN A 164 -0.26 -3.52 5.03
N ASN A 165 -0.31 -4.62 5.84
CA ASN A 165 -1.54 -5.16 6.43
C ASN A 165 -2.35 -4.17 7.28
N LEU A 166 -1.69 -3.08 7.70
CA LEU A 166 -2.25 -1.94 8.41
C LEU A 166 -2.97 -1.07 7.37
N ALA A 167 -2.37 -0.76 6.23
CA ALA A 167 -3.03 -0.01 5.14
C ALA A 167 -4.23 -0.79 4.67
N ARG A 168 -4.04 -2.12 4.73
CA ARG A 168 -5.04 -3.07 4.30
C ARG A 168 -6.20 -3.09 5.25
N ARG A 169 -5.95 -3.04 6.58
CA ARG A 169 -7.04 -3.03 7.53
C ARG A 169 -7.69 -1.66 7.54
N LEU A 170 -6.87 -0.60 7.50
CA LEU A 170 -7.27 0.79 7.42
C LEU A 170 -8.11 1.00 6.17
N MET A 171 -7.90 0.23 5.06
CA MET A 171 -8.66 0.35 3.80
C MET A 171 -10.01 -0.38 3.87
N GLU A 172 -9.82 -1.68 4.15
CA GLU A 172 -10.83 -2.72 4.20
C GLU A 172 -12.03 -2.52 5.12
N THR A 173 -11.83 -2.05 6.37
CA THR A 173 -12.90 -1.81 7.35
C THR A 173 -14.03 -0.99 6.74
N PRO A 174 -15.31 -1.40 6.93
CA PRO A 174 -16.50 -0.65 6.49
C PRO A 174 -16.46 0.79 6.98
N ALA A 175 -16.68 1.72 6.05
CA ALA A 175 -16.51 3.14 6.31
C ALA A 175 -17.46 3.74 7.33
N ASN A 176 -18.35 2.94 7.94
CA ASN A 176 -19.14 3.42 9.06
C ASN A 176 -18.31 3.25 10.34
N GLU A 177 -17.49 2.18 10.43
CA GLU A 177 -16.52 2.06 11.48
C GLU A 177 -15.29 2.94 11.22
N MET A 178 -14.67 2.81 10.05
CA MET A 178 -13.48 3.57 9.69
C MET A 178 -13.81 4.98 9.23
N THR A 179 -13.97 5.88 10.19
CA THR A 179 -14.39 7.25 9.89
C THR A 179 -13.19 8.14 9.66
N PRO A 180 -13.42 9.46 9.38
CA PRO A 180 -12.38 10.49 9.43
C PRO A 180 -11.75 10.70 10.82
N THR A 181 -12.48 10.39 11.88
CA THR A 181 -11.96 10.45 13.24
C THR A 181 -11.30 9.13 13.63
N LYS A 182 -11.85 7.95 13.32
CA LYS A 182 -11.28 6.67 13.71
C LYS A 182 -9.98 6.32 13.02
N PHE A 183 -9.84 6.70 11.74
CA PHE A 183 -8.61 6.47 10.99
C PHE A 183 -7.49 7.26 11.71
N ALA A 184 -7.76 8.55 12.03
CA ALA A 184 -6.81 9.45 12.67
C ALA A 184 -6.35 8.90 14.00
N GLU A 185 -7.29 8.24 14.65
CA GLU A 185 -7.02 7.67 15.93
C GLU A 185 -6.20 6.43 15.93
N ILE A 186 -6.42 5.56 14.96
CA ILE A 186 -5.64 4.34 14.83
C ILE A 186 -4.27 4.77 14.31
N VAL A 187 -4.16 5.74 13.40
CA VAL A 187 -2.87 6.10 12.86
C VAL A 187 -2.02 6.73 13.94
N GLU A 188 -2.63 7.59 14.74
CA GLU A 188 -1.91 8.19 15.85
C GLU A 188 -1.50 7.09 16.81
N GLU A 189 -2.31 6.08 17.14
CA GLU A 189 -1.87 5.07 18.09
C GLU A 189 -0.76 4.22 17.52
N ASN A 190 -0.79 4.04 16.20
CA ASN A 190 0.21 3.27 15.51
C ASN A 190 1.50 3.99 15.28
N LEU A 191 1.41 5.30 15.05
CA LEU A 191 2.60 6.07 14.84
C LEU A 191 3.32 6.25 16.19
N LYS A 192 2.53 6.41 17.29
CA LYS A 192 3.06 6.62 18.64
C LYS A 192 3.67 5.38 19.26
N SER A 193 3.15 4.19 18.97
CA SER A 193 3.76 2.96 19.43
C SER A 193 5.07 2.70 18.67
N ALA A 194 5.15 3.29 17.49
CA ALA A 194 6.30 3.16 16.64
C ALA A 194 7.51 3.99 17.09
N SER A 195 7.23 5.21 17.51
CA SER A 195 8.26 6.13 17.94
C SER A 195 7.77 7.23 18.86
N ILE A 196 8.41 7.47 20.01
CA ILE A 196 8.00 8.60 20.82
C ILE A 196 8.48 9.88 20.14
N LYS A 197 9.42 9.84 19.18
CA LYS A 197 9.89 11.00 18.38
C LYS A 197 8.85 11.50 17.35
N THR A 198 7.56 11.46 17.77
CA THR A 198 6.43 11.81 16.96
C THR A 198 5.39 12.67 17.72
N ASP A 199 4.70 13.38 16.84
CA ASP A 199 3.64 14.30 17.15
C ASP A 199 2.42 14.05 16.29
N VAL A 200 1.17 14.04 16.79
CA VAL A 200 0.02 13.99 15.91
C VAL A 200 -0.97 15.13 16.16
N PHE A 201 -1.56 15.50 15.00
CA PHE A 201 -2.53 16.56 14.96
C PHE A 201 -3.73 16.13 14.11
N ILE A 202 -4.81 15.85 14.79
CA ILE A 202 -6.07 15.46 14.20
C ILE A 202 -6.81 16.78 14.26
N ARG A 203 -6.45 17.64 13.30
CA ARG A 203 -6.93 19.01 13.18
C ARG A 203 -8.37 18.98 12.71
N PRO A 204 -9.28 19.78 13.30
CA PRO A 204 -10.72 19.75 12.97
C PRO A 204 -11.22 20.74 11.93
N LYS A 205 -12.52 20.80 11.69
CA LYS A 205 -13.09 21.76 10.76
C LYS A 205 -12.73 23.19 11.08
N SER A 206 -12.62 23.61 12.36
CA SER A 206 -12.29 25.01 12.66
C SER A 206 -10.91 25.43 12.17
N TRP A 207 -9.96 24.47 12.23
CA TRP A 207 -8.60 24.68 11.84
C TRP A 207 -8.57 24.70 10.33
N ILE A 208 -9.35 23.83 9.70
CA ILE A 208 -9.38 23.69 8.27
C ILE A 208 -9.97 24.97 7.73
N GLU A 209 -11.05 25.46 8.36
CA GLU A 209 -11.77 26.68 7.94
C GLU A 209 -10.80 27.86 7.93
N GLU A 210 -10.04 27.92 9.04
CA GLU A 210 -8.95 28.85 9.37
C GLU A 210 -7.78 28.80 8.38
N GLN A 211 -7.53 27.60 7.82
CA GLN A 211 -6.50 27.36 6.84
C GLN A 211 -6.94 27.59 5.42
N GLU A 212 -8.09 28.28 5.28
CA GLU A 212 -8.69 28.66 4.02
C GLU A 212 -8.72 27.55 3.00
N MET A 213 -9.04 26.37 3.52
CA MET A 213 -9.11 25.14 2.74
C MET A 213 -10.49 24.94 2.14
N GLY A 214 -10.91 25.85 1.25
CA GLY A 214 -12.26 25.86 0.70
C GLY A 214 -12.60 24.66 -0.16
N SER A 215 -11.61 24.19 -0.91
CA SER A 215 -11.77 23.04 -1.77
C SER A 215 -12.00 21.73 -1.00
N PHE A 216 -11.26 21.50 0.10
CA PHE A 216 -11.33 20.31 0.92
C PHE A 216 -12.70 20.29 1.59
N LEU A 217 -12.97 21.50 2.07
CA LEU A 217 -14.12 21.78 2.90
C LEU A 217 -15.38 21.69 2.09
N SER A 218 -15.35 21.96 0.77
CA SER A 218 -16.56 21.88 -0.05
C SER A 218 -16.96 20.46 -0.21
N VAL A 219 -15.94 19.63 -0.26
CA VAL A 219 -16.17 18.23 -0.39
C VAL A 219 -16.80 17.67 0.86
N ALA A 220 -16.30 18.04 2.07
CA ALA A 220 -16.80 17.53 3.33
C ALA A 220 -18.26 17.79 3.64
N LYS A 221 -18.77 18.96 3.18
CA LYS A 221 -20.08 19.46 3.53
C LYS A 221 -21.28 18.64 3.17
N GLY A 222 -21.26 17.82 2.10
CA GLY A 222 -22.38 16.91 1.82
C GLY A 222 -22.77 15.95 2.98
N SER A 223 -21.77 15.30 3.59
CA SER A 223 -21.92 14.37 4.72
C SER A 223 -22.25 15.08 6.03
N GLU A 224 -22.81 14.38 7.02
CA GLU A 224 -22.94 15.00 8.34
C GLU A 224 -21.81 14.42 9.22
N GLU A 225 -20.84 13.73 8.60
CA GLU A 225 -19.66 13.23 9.27
C GLU A 225 -18.54 14.27 9.21
N PRO A 226 -17.97 14.60 10.41
CA PRO A 226 -16.87 15.56 10.58
C PRO A 226 -15.64 15.39 9.67
N PRO A 227 -15.14 16.47 9.05
CA PRO A 227 -13.79 16.48 8.52
C PRO A 227 -12.77 16.70 9.65
N VAL A 228 -11.66 16.04 9.31
CA VAL A 228 -10.40 16.00 10.06
C VAL A 228 -9.30 16.10 9.01
N PHE A 229 -8.41 17.11 9.11
CA PHE A 229 -7.18 17.14 8.32
C PHE A 229 -6.15 16.54 9.27
N LEU A 230 -5.50 15.41 8.93
CA LEU A 230 -4.54 14.77 9.80
C LEU A 230 -3.14 15.24 9.51
N GLU A 231 -2.34 15.49 10.55
CA GLU A 231 -0.94 15.86 10.45
C GLU A 231 -0.02 15.00 11.35
N ILE A 232 0.88 14.24 10.69
CA ILE A 232 1.80 13.25 11.25
C ILE A 232 3.22 13.82 11.32
N HIS A 233 3.99 13.71 12.42
CA HIS A 233 5.41 14.10 12.41
C HIS A 233 6.37 13.05 12.94
N TYR A 234 7.35 12.69 12.10
CA TYR A 234 8.36 11.74 12.51
C TYR A 234 9.68 12.46 12.53
N LYS A 235 10.31 12.56 13.70
CA LYS A 235 11.54 13.32 13.84
C LYS A 235 12.64 12.32 13.81
N GLY A 236 13.05 12.03 12.58
CA GLY A 236 14.05 11.00 12.38
C GLY A 236 15.48 11.50 12.45
N SER A 237 15.75 12.65 11.82
CA SER A 237 17.10 13.19 11.77
C SER A 237 17.64 13.52 13.16
N PRO A 238 18.96 13.40 13.25
CA PRO A 238 19.80 14.06 14.26
C PRO A 238 19.52 15.54 14.51
N ASN A 239 19.73 16.39 13.48
CA ASN A 239 19.31 17.78 13.62
C ASN A 239 17.88 17.78 13.13
N ALA A 240 17.05 18.18 14.07
CA ALA A 240 15.63 18.28 13.83
C ALA A 240 15.30 19.26 12.70
N SER A 241 16.11 20.32 12.54
CA SER A 241 15.94 21.29 11.47
C SER A 241 16.11 20.88 10.03
N GLU A 242 16.51 19.62 9.77
CA GLU A 242 16.53 19.10 8.41
C GLU A 242 15.15 19.26 7.81
N PRO A 243 15.09 19.77 6.57
CA PRO A 243 13.88 19.77 5.78
C PRO A 243 13.29 18.36 5.58
N PRO A 244 11.96 18.24 5.58
CA PRO A 244 11.32 16.94 5.53
C PRO A 244 11.00 16.30 4.18
N LEU A 245 10.41 15.13 4.30
CA LEU A 245 9.89 14.50 3.12
C LEU A 245 8.44 14.38 3.52
N VAL A 246 7.61 15.09 2.77
CA VAL A 246 6.19 15.12 3.04
C VAL A 246 5.41 14.20 2.12
N PHE A 247 4.72 13.28 2.83
CA PHE A 247 3.67 12.43 2.22
C PHE A 247 2.29 13.09 2.50
N VAL A 248 1.46 13.03 1.43
CA VAL A 248 0.11 13.59 1.30
C VAL A 248 -0.77 12.45 0.78
N GLY A 249 -2.06 12.39 1.10
CA GLY A 249 -2.89 11.27 0.67
C GLY A 249 -4.37 11.50 0.86
N LYS A 250 -5.16 11.15 -0.15
CA LYS A 250 -6.58 11.40 -0.10
C LYS A 250 -7.31 10.36 0.76
N GLY A 251 -8.16 10.92 1.62
CA GLY A 251 -8.86 10.11 2.61
C GLY A 251 -10.36 10.26 2.60
N ILE A 252 -11.02 9.88 1.50
CA ILE A 252 -12.49 9.86 1.47
C ILE A 252 -12.85 8.54 2.17
N THR A 253 -13.49 8.52 3.38
CA THR A 253 -13.78 7.23 4.07
C THR A 253 -14.78 6.36 3.32
N PHE A 254 -15.67 7.08 2.63
CA PHE A 254 -16.59 6.52 1.70
C PHE A 254 -16.88 7.53 0.61
N ASP A 255 -16.74 7.06 -0.65
CA ASP A 255 -17.11 7.80 -1.88
C ASP A 255 -18.39 7.31 -2.59
N SER A 256 -19.52 7.99 -2.48
CA SER A 256 -20.73 7.66 -3.20
C SER A 256 -20.86 8.49 -4.50
N GLY A 257 -19.85 9.33 -4.76
CA GLY A 257 -19.88 10.22 -5.90
C GLY A 257 -20.52 11.54 -5.59
N GLY A 258 -21.39 11.60 -4.57
CA GLY A 258 -22.11 12.81 -4.20
C GLY A 258 -23.35 13.00 -5.07
N ILE A 259 -23.61 14.24 -5.52
CA ILE A 259 -24.71 14.55 -6.45
C ILE A 259 -24.32 13.92 -7.80
N SER A 260 -23.03 13.99 -8.17
CA SER A 260 -22.59 13.27 -9.35
C SER A 260 -22.25 11.83 -8.96
N ILE A 261 -23.39 11.22 -8.50
CA ILE A 261 -23.53 9.94 -7.83
C ILE A 261 -23.27 8.69 -8.62
N LYS A 262 -22.53 7.86 -7.95
CA LYS A 262 -22.13 6.56 -8.44
C LYS A 262 -23.28 5.59 -8.64
N ALA A 263 -23.00 4.60 -9.50
CA ALA A 263 -23.93 3.52 -9.79
C ALA A 263 -23.82 2.46 -8.71
N ALA A 264 -24.87 1.71 -8.38
CA ALA A 264 -24.78 0.79 -7.26
C ALA A 264 -23.77 -0.35 -7.40
N ALA A 265 -23.48 -0.77 -8.64
CA ALA A 265 -22.55 -1.83 -8.96
C ALA A 265 -21.23 -1.66 -8.25
N ASN A 266 -21.09 -2.57 -7.27
CA ASN A 266 -19.89 -2.67 -6.49
C ASN A 266 -19.35 -1.40 -5.83
N MET A 267 -20.25 -0.52 -5.39
CA MET A 267 -19.89 0.75 -4.79
C MET A 267 -19.38 0.60 -3.36
N ASP A 268 -19.56 -0.61 -2.80
CA ASP A 268 -19.09 -0.91 -1.49
C ASP A 268 -17.59 -0.82 -1.31
N LEU A 269 -16.86 -0.86 -2.42
CA LEU A 269 -15.40 -0.77 -2.46
C LEU A 269 -14.93 0.66 -2.27
N MET A 270 -15.86 1.63 -2.17
CA MET A 270 -15.46 3.04 -2.08
C MET A 270 -15.01 3.47 -0.72
N ARG A 271 -15.27 2.52 0.20
CA ARG A 271 -14.75 2.53 1.54
C ARG A 271 -13.24 2.55 1.47
N ALA A 272 -12.63 2.18 0.34
CA ALA A 272 -11.20 2.20 0.21
C ALA A 272 -10.74 3.32 -0.68
N ASP A 273 -11.53 4.41 -0.70
CA ASP A 273 -11.12 5.63 -1.40
C ASP A 273 -10.30 6.50 -0.45
N MET A 274 -10.17 6.04 0.82
CA MET A 274 -9.21 6.54 1.81
C MET A 274 -7.89 5.76 1.74
N GLY A 275 -7.70 5.00 0.65
CA GLY A 275 -6.54 4.17 0.44
C GLY A 275 -5.32 5.03 0.31
N GLY A 276 -5.46 6.25 -0.22
CA GLY A 276 -4.34 7.18 -0.34
C GLY A 276 -3.82 7.59 1.02
N ALA A 277 -4.72 8.02 1.90
CA ALA A 277 -4.32 8.36 3.26
C ALA A 277 -3.81 7.13 4.01
N ALA A 278 -4.37 5.92 3.82
CA ALA A 278 -3.94 4.69 4.48
C ALA A 278 -2.54 4.24 4.13
N THR A 279 -2.26 4.24 2.82
CA THR A 279 -0.98 3.83 2.21
C THR A 279 0.28 4.51 2.72
N ILE A 280 0.15 5.85 2.71
CA ILE A 280 1.23 6.73 3.09
C ILE A 280 1.36 6.71 4.58
N CYS A 281 0.27 6.75 5.36
CA CYS A 281 0.35 6.66 6.81
C CYS A 281 1.08 5.42 7.30
N SER A 282 0.69 4.28 6.72
CA SER A 282 1.26 2.99 7.04
C SER A 282 2.73 2.95 6.70
N ALA A 283 3.06 3.67 5.63
CA ALA A 283 4.43 3.82 5.23
C ALA A 283 5.23 4.69 6.21
N ILE A 284 4.69 5.81 6.80
CA ILE A 284 5.40 6.64 7.80
C ILE A 284 5.56 5.82 9.09
N VAL A 285 4.49 5.08 9.52
CA VAL A 285 4.48 4.28 10.74
C VAL A 285 5.65 3.30 10.63
N SER A 286 5.87 2.80 9.42
CA SER A 286 6.93 1.84 9.26
C SER A 286 8.26 2.52 9.30
N ALA A 287 8.51 3.69 8.72
CA ALA A 287 9.82 4.34 8.83
C ALA A 287 10.18 4.78 10.26
N ALA A 288 9.17 5.08 11.10
CA ALA A 288 9.31 5.29 12.53
C ALA A 288 9.63 4.00 13.27
N LYS A 289 9.01 2.87 12.87
CA LYS A 289 9.26 1.51 13.38
C LYS A 289 10.69 1.04 13.06
N LEU A 290 11.16 1.54 11.92
CA LEU A 290 12.48 1.28 11.35
C LEU A 290 13.57 2.18 11.94
N ASP A 291 13.07 3.34 12.45
CA ASP A 291 13.75 4.51 12.99
C ASP A 291 14.87 4.96 12.08
N LEU A 292 14.29 5.51 11.01
CA LEU A 292 14.96 6.00 9.82
C LEU A 292 15.41 7.43 9.99
N PRO A 293 16.71 7.78 9.73
CA PRO A 293 17.35 9.08 9.98
C PRO A 293 16.92 10.30 9.17
N ILE A 294 15.60 10.41 9.04
CA ILE A 294 14.89 11.40 8.27
C ILE A 294 13.63 11.86 8.98
N ASN A 295 13.35 13.13 8.81
CA ASN A 295 12.14 13.77 9.31
C ASN A 295 11.10 13.68 8.16
N ILE A 296 9.97 13.00 8.41
CA ILE A 296 8.92 12.78 7.41
C ILE A 296 7.68 13.53 7.92
N VAL A 297 6.75 14.03 7.10
CA VAL A 297 5.51 14.68 7.57
C VAL A 297 4.43 14.00 6.76
N GLY A 298 3.33 13.63 7.43
CA GLY A 298 2.20 12.91 6.84
C GLY A 298 0.99 13.82 6.88
N LEU A 299 0.37 13.94 5.74
CA LEU A 299 -0.72 14.86 5.56
C LEU A 299 -1.86 14.12 4.86
N ALA A 300 -3.04 14.25 5.41
CA ALA A 300 -4.16 13.57 4.85
C ALA A 300 -5.48 14.27 5.19
N PRO A 301 -6.15 14.94 4.22
CA PRO A 301 -7.55 15.24 4.25
C PRO A 301 -8.38 13.97 4.38
N LEU A 302 -9.20 13.94 5.43
CA LEU A 302 -10.18 12.88 5.70
C LEU A 302 -11.57 13.56 5.74
N CYS A 303 -12.51 12.92 5.03
CA CYS A 303 -13.92 13.32 5.01
C CYS A 303 -14.69 12.34 4.17
N GLU A 304 -16.02 12.48 4.08
CA GLU A 304 -16.78 11.62 3.16
C GLU A 304 -17.44 12.36 2.00
N ASN A 305 -17.75 11.68 0.87
CA ASN A 305 -18.46 12.30 -0.25
C ASN A 305 -19.88 11.74 -0.40
N MET A 306 -20.86 12.55 0.04
CA MET A 306 -22.27 12.19 0.15
C MET A 306 -23.24 13.12 -0.57
N PRO A 307 -24.41 12.67 -1.09
CA PRO A 307 -25.48 13.55 -1.52
C PRO A 307 -26.40 13.98 -0.38
N SER A 308 -26.87 15.24 -0.36
CA SER A 308 -27.72 15.81 0.69
C SER A 308 -28.28 17.17 0.33
N GLY A 309 -29.10 17.73 1.21
CA GLY A 309 -29.65 19.04 1.05
C GLY A 309 -28.58 20.12 1.00
N LYS A 310 -27.36 19.81 1.47
CA LYS A 310 -26.23 20.73 1.43
C LYS A 310 -24.94 20.19 0.84
N ALA A 311 -25.10 19.17 -0.01
CA ALA A 311 -23.96 18.64 -0.75
C ALA A 311 -23.46 19.63 -1.80
N ASN A 312 -22.22 19.40 -2.24
CA ASN A 312 -21.57 20.12 -3.34
C ASN A 312 -22.33 19.78 -4.65
N LYS A 313 -22.71 20.85 -5.36
CA LYS A 313 -23.48 20.80 -6.60
C LYS A 313 -22.53 20.89 -7.74
N PRO A 314 -22.89 20.26 -8.87
CA PRO A 314 -22.30 20.55 -10.17
C PRO A 314 -22.36 21.98 -10.67
N GLY A 315 -21.19 22.47 -11.12
CA GLY A 315 -20.99 23.85 -11.60
C GLY A 315 -20.36 24.86 -10.63
N ASP A 316 -19.90 24.36 -9.50
CA ASP A 316 -19.53 25.26 -8.45
C ASP A 316 -18.09 25.69 -8.32
N VAL A 317 -17.97 26.99 -8.09
CA VAL A 317 -16.64 27.52 -7.90
C VAL A 317 -16.40 27.66 -6.41
N VAL A 318 -15.37 26.93 -6.01
CA VAL A 318 -14.90 26.91 -4.64
C VAL A 318 -13.49 27.45 -4.67
N ARG A 319 -12.91 27.87 -3.53
CA ARG A 319 -11.54 28.36 -3.56
C ARG A 319 -10.52 27.56 -2.75
N ALA A 320 -9.48 27.15 -3.46
CA ALA A 320 -8.40 26.46 -2.81
C ALA A 320 -7.60 27.47 -2.05
N ARG A 321 -6.93 26.96 -1.01
CA ARG A 321 -6.04 27.70 -0.16
C ARG A 321 -5.14 28.69 -0.87
N ASN A 322 -4.64 28.32 -2.06
CA ASN A 322 -3.73 29.09 -2.91
C ASN A 322 -4.32 30.16 -3.85
N GLY A 323 -5.62 30.50 -3.66
CA GLY A 323 -6.29 31.55 -4.41
C GLY A 323 -6.98 31.07 -5.69
N LYS A 324 -6.48 29.97 -6.25
CA LYS A 324 -7.12 29.36 -7.41
C LYS A 324 -8.50 28.86 -7.05
N THR A 325 -9.37 29.07 -8.04
CA THR A 325 -10.74 28.62 -8.02
C THR A 325 -10.83 27.41 -8.91
N ILE A 326 -11.76 26.51 -8.58
CA ILE A 326 -11.99 25.27 -9.30
C ILE A 326 -13.46 25.23 -9.72
N GLN A 327 -13.82 25.00 -11.01
CA GLN A 327 -15.21 24.69 -11.35
C GLN A 327 -15.38 23.21 -10.96
N VAL A 328 -16.32 22.90 -10.03
CA VAL A 328 -16.64 21.54 -9.60
C VAL A 328 -17.78 21.02 -10.51
N ASP A 329 -17.42 20.60 -11.74
CA ASP A 329 -18.37 20.04 -12.70
C ASP A 329 -18.91 18.62 -12.50
N ASN A 330 -18.13 17.90 -11.70
CA ASN A 330 -18.44 16.55 -11.30
C ASN A 330 -17.89 16.39 -9.90
N THR A 331 -18.86 16.14 -9.01
CA THR A 331 -18.73 15.93 -7.57
C THR A 331 -17.99 14.63 -7.21
N ASP A 332 -17.80 13.68 -8.16
CA ASP A 332 -16.99 12.48 -7.95
C ASP A 332 -15.53 12.81 -8.22
N ALA A 333 -15.20 13.86 -8.96
CA ALA A 333 -13.82 14.29 -9.05
C ALA A 333 -13.47 15.06 -7.73
N GLU A 334 -13.56 14.48 -6.52
CA GLU A 334 -13.33 15.19 -5.26
C GLU A 334 -11.99 14.97 -4.57
N GLY A 335 -11.32 13.89 -4.92
CA GLY A 335 -10.00 13.60 -4.43
C GLY A 335 -9.09 14.66 -4.95
N ARG A 336 -9.21 15.05 -6.24
CA ARG A 336 -8.47 16.17 -6.82
C ARG A 336 -8.62 17.44 -5.94
N LEU A 337 -9.82 17.69 -5.40
CA LEU A 337 -10.14 18.90 -4.61
C LEU A 337 -9.62 18.82 -3.19
N ILE A 338 -9.68 17.59 -2.65
CA ILE A 338 -9.28 17.30 -1.27
C ILE A 338 -7.76 17.49 -1.23
N LEU A 339 -7.13 17.06 -2.35
CA LEU A 339 -5.71 17.18 -2.56
C LEU A 339 -5.25 18.55 -3.08
N ALA A 340 -6.11 19.43 -3.58
CA ALA A 340 -5.67 20.78 -3.94
C ALA A 340 -5.18 21.63 -2.73
N ASP A 341 -5.76 21.31 -1.55
CA ASP A 341 -5.38 22.00 -0.33
C ASP A 341 -4.33 21.29 0.48
N ALA A 342 -4.31 19.96 0.60
CA ALA A 342 -3.27 19.32 1.41
C ALA A 342 -1.89 19.46 0.79
N LEU A 343 -1.83 19.50 -0.56
CA LEU A 343 -0.65 19.78 -1.40
C LEU A 343 -0.03 21.18 -1.25
N CYS A 344 -0.90 22.18 -1.00
CA CYS A 344 -0.52 23.57 -0.80
C CYS A 344 0.10 23.72 0.54
N TYR A 345 -0.60 23.13 1.50
CA TYR A 345 -0.11 23.08 2.85
C TYR A 345 1.23 22.33 2.87
N ALA A 346 1.51 21.29 2.05
CA ALA A 346 2.79 20.61 2.02
C ALA A 346 3.92 21.58 1.76
N HIS A 347 3.77 22.67 1.00
CA HIS A 347 4.92 23.56 0.75
C HIS A 347 5.34 24.41 1.96
N THR A 348 4.44 24.52 2.95
CA THR A 348 4.64 25.22 4.20
C THR A 348 5.80 24.68 5.01
N PHE A 349 5.89 23.35 4.92
CA PHE A 349 6.87 22.55 5.62
C PHE A 349 8.27 22.60 5.05
N ASN A 350 8.44 23.32 3.94
CA ASN A 350 9.70 23.38 3.25
C ASN A 350 10.37 22.01 2.90
N PRO A 351 9.67 21.10 2.18
CA PRO A 351 10.13 19.72 1.96
C PRO A 351 11.27 19.47 0.96
N LYS A 352 11.62 18.21 0.75
CA LYS A 352 12.66 17.82 -0.18
C LYS A 352 12.00 17.10 -1.37
N VAL A 353 10.99 16.34 -0.99
CA VAL A 353 10.25 15.50 -1.88
C VAL A 353 8.83 15.64 -1.36
N ILE A 354 7.83 15.79 -2.25
CA ILE A 354 6.46 15.73 -1.80
C ILE A 354 5.85 14.54 -2.54
N ILE A 355 5.76 13.40 -1.86
CA ILE A 355 5.07 12.27 -2.42
C ILE A 355 3.62 12.34 -1.94
N ASN A 356 2.70 12.36 -2.89
CA ASN A 356 1.29 12.27 -2.59
C ASN A 356 0.69 10.96 -3.13
N ALA A 357 -0.39 10.39 -2.58
CA ALA A 357 -0.94 9.14 -3.12
C ALA A 357 -2.44 9.02 -3.05
N ALA A 358 -3.10 8.53 -4.08
CA ALA A 358 -4.52 8.57 -4.06
C ALA A 358 -5.14 7.59 -4.98
N THR A 359 -6.23 6.98 -4.50
CA THR A 359 -7.12 6.15 -5.30
C THR A 359 -7.91 7.16 -6.14
N LEU A 360 -7.22 7.86 -7.05
CA LEU A 360 -7.81 8.99 -7.71
C LEU A 360 -8.79 8.78 -8.85
N THR A 361 -8.53 7.90 -9.84
CA THR A 361 -9.35 7.73 -11.04
C THR A 361 -9.43 6.27 -11.43
N GLY A 362 -10.59 5.87 -11.94
CA GLY A 362 -10.72 4.57 -12.52
C GLY A 362 -9.95 4.44 -13.85
N ALA A 363 -9.73 5.53 -14.59
CA ALA A 363 -9.01 5.46 -15.86
C ALA A 363 -7.61 4.92 -15.71
N MET A 364 -7.03 5.03 -14.51
CA MET A 364 -5.74 4.48 -14.18
C MET A 364 -5.90 2.98 -14.16
N ASP A 365 -7.04 2.55 -13.61
CA ASP A 365 -7.41 1.16 -13.59
C ASP A 365 -7.63 0.62 -15.00
N ILE A 366 -8.14 1.44 -15.91
CA ILE A 366 -8.31 1.00 -17.29
C ILE A 366 -6.95 0.91 -17.96
N ALA A 367 -6.05 1.80 -17.54
CA ALA A 367 -4.70 1.93 -18.06
C ALA A 367 -3.76 0.76 -17.81
N LEU A 368 -3.28 0.63 -16.54
CA LEU A 368 -2.36 -0.39 -16.10
C LEU A 368 -3.05 -1.48 -15.32
N GLY A 369 -4.07 -1.13 -14.53
CA GLY A 369 -4.97 -2.04 -13.80
C GLY A 369 -4.38 -3.17 -12.96
N SER A 370 -3.79 -2.77 -11.81
CA SER A 370 -3.17 -3.67 -10.83
C SER A 370 -1.83 -4.24 -11.23
N GLY A 371 -1.21 -3.84 -12.35
CA GLY A 371 0.09 -4.36 -12.69
C GLY A 371 1.07 -3.55 -11.87
N ALA A 372 1.01 -2.28 -12.20
CA ALA A 372 1.81 -1.26 -11.61
C ALA A 372 0.87 -0.12 -11.21
N THR A 373 1.36 0.62 -10.19
CA THR A 373 0.73 1.82 -9.67
C THR A 373 1.42 2.95 -10.44
N GLY A 374 0.54 3.72 -11.11
CA GLY A 374 0.92 4.83 -11.97
C GLY A 374 1.44 5.96 -11.11
N VAL A 375 2.61 6.45 -11.42
CA VAL A 375 3.26 7.54 -10.73
C VAL A 375 3.72 8.53 -11.79
N PHE A 376 3.15 9.75 -11.74
CA PHE A 376 3.49 10.90 -12.60
C PHE A 376 4.45 11.74 -11.74
N THR A 377 5.64 12.10 -12.22
CA THR A 377 6.48 12.96 -11.40
C THR A 377 7.30 13.94 -12.23
N ASN A 378 7.40 15.21 -11.80
CA ASN A 378 8.22 16.22 -12.47
C ASN A 378 9.71 16.09 -12.08
N SER A 379 10.09 14.84 -11.86
CA SER A 379 11.36 14.48 -11.28
C SER A 379 11.74 13.03 -11.59
N SER A 380 12.63 12.97 -12.58
CA SER A 380 13.24 11.76 -13.09
C SER A 380 14.09 11.07 -12.06
N TRP A 381 14.63 11.90 -11.15
CA TRP A 381 15.39 11.45 -10.01
C TRP A 381 14.46 10.65 -9.10
N LEU A 382 13.31 11.33 -8.81
CA LEU A 382 12.23 10.80 -7.98
C LEU A 382 11.65 9.58 -8.63
N TRP A 383 11.52 9.58 -9.97
CA TRP A 383 10.99 8.45 -10.70
C TRP A 383 11.94 7.31 -10.48
N ASN A 384 13.21 7.48 -10.78
CA ASN A 384 14.16 6.40 -10.59
C ASN A 384 14.19 5.81 -9.21
N LYS A 385 14.10 6.74 -8.26
CA LYS A 385 14.13 6.40 -6.87
C LYS A 385 12.99 5.49 -6.49
N LEU A 386 11.81 5.76 -7.03
CA LEU A 386 10.62 4.96 -6.81
C LEU A 386 10.69 3.63 -7.54
N PHE A 387 11.12 3.71 -8.79
CA PHE A 387 11.17 2.56 -9.66
C PHE A 387 12.13 1.47 -9.18
N GLU A 388 13.28 1.87 -8.62
CA GLU A 388 14.24 0.94 -8.01
C GLU A 388 13.74 0.23 -6.76
N ALA A 389 13.02 0.97 -5.91
CA ALA A 389 12.36 0.41 -4.76
C ALA A 389 11.34 -0.65 -5.24
N SER A 390 10.69 -0.40 -6.40
CA SER A 390 9.69 -1.29 -6.97
C SER A 390 10.27 -2.64 -7.35
N ILE A 391 11.54 -2.63 -7.80
CA ILE A 391 12.28 -3.80 -8.21
C ILE A 391 12.53 -4.68 -7.00
N GLU A 392 12.87 -4.10 -5.86
CA GLU A 392 13.18 -4.88 -4.66
C GLU A 392 11.94 -5.54 -4.05
N THR A 393 10.96 -4.66 -3.78
CA THR A 393 9.72 -5.02 -3.12
C THR A 393 8.80 -5.87 -3.93
N GLY A 394 8.90 -5.73 -5.25
CA GLY A 394 8.00 -6.41 -6.18
C GLY A 394 6.71 -5.63 -6.45
N ASP A 395 6.38 -4.64 -5.60
CA ASP A 395 5.22 -3.82 -5.82
C ASP A 395 5.53 -2.68 -6.77
N ARG A 396 5.39 -3.06 -8.04
CA ARG A 396 5.68 -2.19 -9.18
C ARG A 396 4.93 -0.90 -9.25
N VAL A 397 5.67 -0.04 -9.93
CA VAL A 397 5.27 1.32 -10.11
C VAL A 397 5.65 1.70 -11.53
N TRP A 398 4.70 2.26 -12.31
CA TRP A 398 4.95 2.60 -13.72
C TRP A 398 4.83 4.10 -13.96
N ARG A 399 5.77 4.79 -14.65
CA ARG A 399 5.63 6.21 -14.96
C ARG A 399 4.63 6.48 -16.07
N MET A 400 3.97 7.66 -15.88
CA MET A 400 2.86 8.25 -16.67
C MET A 400 3.08 9.75 -16.97
N PRO A 401 2.37 10.44 -17.87
CA PRO A 401 2.84 11.70 -18.41
C PRO A 401 2.20 12.92 -17.79
N LEU A 402 3.09 13.79 -17.34
CA LEU A 402 2.67 15.05 -16.73
C LEU A 402 3.04 16.12 -17.75
N PHE A 403 2.39 15.96 -18.92
CA PHE A 403 2.59 16.82 -20.07
C PHE A 403 1.59 17.98 -20.03
N GLU A 404 2.06 19.14 -20.50
CA GLU A 404 1.28 20.37 -20.63
C GLU A 404 -0.03 20.08 -21.31
N HIS A 405 0.05 19.27 -22.37
CA HIS A 405 -1.04 18.77 -23.20
C HIS A 405 -2.34 18.63 -22.45
N TYR A 406 -2.15 18.05 -21.24
CA TYR A 406 -3.21 17.73 -20.28
C TYR A 406 -3.58 18.92 -19.36
N THR A 407 -2.60 19.72 -18.88
CA THR A 407 -2.90 20.90 -18.09
C THR A 407 -3.86 21.76 -18.86
N ARG A 408 -3.61 21.93 -20.16
CA ARG A 408 -4.41 22.69 -21.09
C ARG A 408 -5.90 22.36 -21.04
N GLN A 409 -6.31 21.08 -20.98
CA GLN A 409 -7.74 20.73 -21.00
C GLN A 409 -8.53 21.01 -19.69
N VAL A 410 -7.75 21.19 -18.62
CA VAL A 410 -8.24 21.38 -17.29
C VAL A 410 -8.06 22.86 -17.02
N ILE A 411 -7.11 23.52 -17.66
CA ILE A 411 -6.86 24.94 -17.43
C ILE A 411 -7.88 25.86 -18.11
N ASP A 412 -8.57 25.40 -19.17
CA ASP A 412 -9.68 26.18 -19.71
C ASP A 412 -10.96 25.86 -18.95
N CYS A 413 -11.65 26.96 -18.67
CA CYS A 413 -12.73 26.91 -17.70
C CYS A 413 -13.63 28.15 -17.78
N GLN A 414 -14.89 27.80 -18.00
CA GLN A 414 -15.96 28.75 -18.11
C GLN A 414 -16.03 29.71 -16.90
N LEU A 415 -16.14 29.27 -15.65
CA LEU A 415 -16.32 30.18 -14.51
C LEU A 415 -15.05 30.61 -13.78
N ALA A 416 -14.13 29.62 -13.73
CA ALA A 416 -12.94 29.60 -12.89
C ALA A 416 -11.54 29.37 -13.48
N ASP A 417 -10.58 29.23 -12.58
CA ASP A 417 -9.19 29.03 -12.92
C ASP A 417 -8.84 27.61 -13.33
N VAL A 418 -9.34 26.57 -12.70
CA VAL A 418 -9.03 25.18 -13.04
C VAL A 418 -10.38 24.45 -13.02
N ASN A 419 -10.54 23.26 -13.54
CA ASN A 419 -11.83 22.58 -13.52
C ASN A 419 -11.56 21.14 -13.11
N ASN A 420 -12.31 20.60 -12.14
CA ASN A 420 -12.01 19.26 -11.66
C ASN A 420 -12.04 18.05 -12.63
N ILE A 421 -12.66 18.23 -13.80
CA ILE A 421 -12.57 17.26 -14.90
C ILE A 421 -12.08 17.97 -16.16
N GLY A 422 -11.50 17.21 -17.13
CA GLY A 422 -11.04 17.79 -18.41
C GLY A 422 -12.10 17.87 -19.51
N LYS A 423 -11.83 18.63 -20.58
CA LYS A 423 -12.79 18.80 -21.66
C LYS A 423 -13.29 17.45 -22.27
N TYR A 424 -12.49 16.37 -22.25
CA TYR A 424 -12.83 15.08 -22.88
C TYR A 424 -12.62 13.81 -22.03
N ARG A 425 -13.09 12.66 -22.52
CA ARG A 425 -12.97 11.38 -21.80
C ARG A 425 -11.60 10.73 -21.66
N SER A 426 -10.77 11.02 -22.67
CA SER A 426 -9.44 10.47 -22.87
C SER A 426 -8.42 10.90 -21.85
N ALA A 427 -7.32 10.16 -21.77
CA ALA A 427 -6.20 10.51 -20.93
C ALA A 427 -6.59 10.77 -19.46
N GLY A 428 -7.51 9.96 -18.95
CA GLY A 428 -8.16 10.15 -17.67
C GLY A 428 -7.25 10.42 -16.50
N ALA A 429 -6.19 9.63 -16.32
CA ALA A 429 -5.37 9.77 -15.12
C ALA A 429 -4.42 10.95 -15.26
N CYS A 430 -4.23 11.36 -16.51
CA CYS A 430 -3.30 12.40 -16.88
C CYS A 430 -3.82 13.81 -16.68
N THR A 431 -5.13 13.99 -16.84
CA THR A 431 -5.81 15.28 -16.63
C THR A 431 -6.02 15.62 -15.16
N ALA A 432 -6.22 14.51 -14.44
CA ALA A 432 -6.41 14.52 -13.03
C ALA A 432 -5.05 14.78 -12.40
N ALA A 433 -3.98 14.17 -12.96
CA ALA A 433 -2.69 14.50 -12.43
C ALA A 433 -2.29 15.87 -12.93
N ALA A 434 -2.71 16.38 -14.09
CA ALA A 434 -2.23 17.70 -14.48
C ALA A 434 -2.98 18.83 -13.86
N PHE A 435 -4.12 18.46 -13.21
CA PHE A 435 -4.90 19.39 -12.40
C PHE A 435 -4.13 19.61 -11.09
N LEU A 436 -3.64 18.55 -10.41
CA LEU A 436 -2.88 18.62 -9.15
C LEU A 436 -1.53 19.38 -9.28
N LYS A 437 -0.90 19.35 -10.47
CA LYS A 437 0.34 20.04 -10.73
C LYS A 437 0.17 21.54 -10.54
N GLU A 438 -1.09 21.97 -10.77
CA GLU A 438 -1.56 23.35 -10.59
C GLU A 438 -1.60 23.81 -9.16
N PHE A 439 -1.51 22.88 -8.24
CA PHE A 439 -1.54 23.20 -6.83
C PHE A 439 -0.18 22.96 -6.16
N VAL A 440 0.87 22.68 -6.98
CA VAL A 440 2.21 22.31 -6.53
C VAL A 440 3.23 23.16 -7.30
N THR A 441 4.27 23.68 -6.61
CA THR A 441 5.36 24.44 -7.24
C THR A 441 6.77 23.96 -6.87
N HIS A 442 6.81 22.87 -6.07
CA HIS A 442 8.00 22.18 -5.61
C HIS A 442 8.60 21.28 -6.70
N PRO A 443 9.94 21.15 -6.82
CA PRO A 443 10.59 20.52 -7.96
C PRO A 443 10.59 19.03 -7.95
N LYS A 444 10.45 18.47 -6.77
CA LYS A 444 10.46 17.03 -6.66
C LYS A 444 9.12 16.61 -6.12
N TRP A 445 8.10 16.62 -7.01
CA TRP A 445 6.74 16.19 -6.71
C TRP A 445 6.37 14.88 -7.40
N ALA A 446 5.59 14.03 -6.75
CA ALA A 446 5.19 12.77 -7.32
C ALA A 446 3.77 12.39 -6.92
N HIS A 447 2.90 12.29 -7.93
CA HIS A 447 1.55 11.81 -7.72
C HIS A 447 1.55 10.30 -7.97
N LEU A 448 1.04 9.52 -7.03
CA LEU A 448 0.92 8.10 -7.23
C LEU A 448 -0.58 7.87 -7.21
N ASP A 449 -1.15 7.44 -8.34
CA ASP A 449 -2.54 7.03 -8.43
C ASP A 449 -2.63 5.51 -8.18
N ILE A 450 -3.20 5.17 -7.03
CA ILE A 450 -3.36 3.85 -6.44
C ILE A 450 -4.64 3.06 -6.84
N ALA A 451 -5.43 3.62 -7.80
CA ALA A 451 -6.78 3.10 -8.07
C ALA A 451 -6.91 1.79 -8.80
N GLY A 452 -5.87 1.40 -9.52
CA GLY A 452 -5.83 0.08 -10.11
C GLY A 452 -5.29 -0.98 -9.13
N VAL A 453 -4.47 -0.60 -8.14
CA VAL A 453 -3.87 -1.52 -7.19
C VAL A 453 -4.60 -1.54 -5.87
N MET A 454 -5.82 -1.01 -5.94
CA MET A 454 -6.64 -0.88 -4.77
C MET A 454 -7.03 -2.22 -4.17
N THR A 455 -7.27 -3.17 -5.09
CA THR A 455 -7.82 -4.49 -4.79
C THR A 455 -6.93 -5.66 -5.22
N ASN A 456 -7.02 -6.84 -4.57
CA ASN A 456 -6.36 -8.04 -5.12
C ASN A 456 -7.44 -9.12 -5.28
N LYS A 457 -7.14 -10.12 -6.13
CA LYS A 457 -7.94 -11.30 -6.29
C LYS A 457 -7.11 -12.59 -6.34
N ASP A 458 -6.23 -12.64 -7.34
CA ASP A 458 -5.43 -13.79 -7.74
C ASP A 458 -4.17 -13.26 -8.36
N GLU A 459 -4.10 -11.94 -8.55
CA GLU A 459 -3.07 -11.41 -9.41
C GLU A 459 -1.71 -11.33 -8.75
N VAL A 460 -1.73 -10.93 -7.48
CA VAL A 460 -0.59 -10.90 -6.57
C VAL A 460 -0.88 -12.16 -5.73
N PRO A 461 0.00 -13.15 -5.63
CA PRO A 461 -0.25 -14.44 -4.99
C PRO A 461 -0.36 -14.46 -3.49
N TYR A 462 0.67 -13.88 -2.92
CA TYR A 462 0.76 -13.82 -1.50
C TYR A 462 -0.19 -12.80 -0.87
N LEU A 463 -1.19 -12.30 -1.61
CA LEU A 463 -2.15 -11.37 -1.03
C LEU A 463 -3.50 -12.05 -1.24
N ARG A 464 -4.30 -12.27 -0.18
CA ARG A 464 -5.62 -12.89 -0.36
C ARG A 464 -6.56 -11.82 -0.95
N LYS A 465 -7.75 -12.26 -1.42
CA LYS A 465 -8.80 -11.46 -2.10
C LYS A 465 -9.30 -10.30 -1.25
N GLY A 466 -9.33 -9.07 -1.77
CA GLY A 466 -9.74 -7.94 -0.93
C GLY A 466 -8.83 -6.71 -1.00
N MET A 467 -8.87 -5.78 -0.04
CA MET A 467 -8.06 -4.57 -0.15
C MET A 467 -6.61 -4.98 -0.11
N ALA A 468 -5.85 -4.30 -0.98
CA ALA A 468 -4.48 -4.67 -1.21
C ALA A 468 -3.42 -3.96 -0.38
N GLY A 469 -3.59 -2.65 -0.09
CA GLY A 469 -2.62 -1.89 0.67
C GLY A 469 -1.37 -1.64 -0.17
N ARG A 470 -1.56 -1.50 -1.49
CA ARG A 470 -0.44 -1.24 -2.40
C ARG A 470 -0.29 0.26 -2.67
N PRO A 471 0.92 0.87 -2.85
CA PRO A 471 2.27 0.29 -2.74
C PRO A 471 3.04 0.46 -1.42
N THR A 472 2.42 0.32 -0.20
CA THR A 472 3.07 0.69 1.05
C THR A 472 4.53 0.24 1.19
N ARG A 473 4.92 -0.99 0.89
CA ARG A 473 6.31 -1.42 0.94
C ARG A 473 7.24 -0.72 -0.07
N THR A 474 6.83 -0.28 -1.28
CA THR A 474 7.77 0.38 -2.22
C THR A 474 8.19 1.69 -1.61
N LEU A 475 7.13 2.36 -1.12
CA LEU A 475 7.16 3.62 -0.40
C LEU A 475 8.10 3.56 0.81
N ILE A 476 7.90 2.61 1.76
CA ILE A 476 8.81 2.31 2.90
C ILE A 476 10.23 2.02 2.38
N GLU A 477 10.41 1.23 1.31
CA GLU A 477 11.72 0.91 0.79
C GLU A 477 12.42 2.13 0.25
N PHE A 478 11.65 3.08 -0.28
CA PHE A 478 12.20 4.33 -0.77
C PHE A 478 12.74 5.18 0.39
N LEU A 479 12.02 5.23 1.51
CA LEU A 479 12.50 5.98 2.65
C LEU A 479 13.65 5.33 3.38
N PHE A 480 13.81 4.02 3.30
CA PHE A 480 14.98 3.37 3.84
C PHE A 480 16.20 3.75 2.98
N ARG A 481 16.07 3.72 1.65
CA ARG A 481 17.17 3.97 0.78
C ARG A 481 17.56 5.43 0.78
N PHE A 482 16.54 6.27 0.97
CA PHE A 482 16.76 7.69 1.04
C PHE A 482 17.44 8.01 2.35
N SER A 483 17.06 7.38 3.49
CA SER A 483 17.71 7.63 4.78
C SER A 483 19.18 7.14 4.83
N GLN A 484 19.47 5.99 4.18
CA GLN A 484 20.78 5.36 4.03
C GLN A 484 21.72 5.95 2.98
ZN ZN B . -15.10 10.25 -6.52
ZN ZN C . -12.83 9.58 -4.77
#